data_6QQ9
#
_entry.id   6QQ9
#
_cell.length_a   51.410
_cell.length_b   63.000
_cell.length_c   70.530
_cell.angle_alpha   90.00
_cell.angle_beta   90.00
_cell.angle_gamma   90.00
#
_symmetry.space_group_name_H-M   'P 21 21 21'
#
loop_
_entity.id
_entity.type
_entity.pdbx_description
1 polymer 'Green fluorescent protein'
2 non-polymer 'CARBON DIOXIDE'
3 water water
#
_entity_poly.entity_id   1
_entity_poly.type   'polypeptide(L)'
_entity_poly.pdbx_seq_one_letter_code
;MVSKGEELFTGVVPILVELDGDVNGHKFSVSGEGEGDATYGKLTLKFICTTGKLPVPWPTLVTTL(CRF)VQCFARYPDH
MKQHDFFKSAMPEGYVQERTIFFKDDGNYKTRAEVKFEGDTLVNRIELKGIDFKEDGNILGHKLEYNAISDNVYITADKQ
KNGIKANFKIRHNIEDGSVQLADHYQQNTPIGDGPVLLPDNHYLSTQSALSKDPNEKRDHMVLLEFVTAAGITLGMDELY
K
;
_entity_poly.pdbx_strand_id   A
#
loop_
_chem_comp.id
_chem_comp.type
_chem_comp.name
_chem_comp.formula
CO2 non-polymer 'CARBON DIOXIDE' 'C O2'
#
# COMPACT_ATOMS: atom_id res chain seq x y z
C VAL A 2 10.44 3.77 18.15
N SER A 3 11.19 3.55 19.24
CA SER A 3 12.65 3.44 19.16
C SER A 3 13.12 1.97 19.19
N LYS A 4 12.47 1.12 19.98
CA LYS A 4 12.68 -0.32 19.86
C LYS A 4 12.33 -0.76 18.43
N GLY A 5 11.12 -0.39 17.98
CA GLY A 5 10.67 -0.70 16.63
C GLY A 5 11.47 0.00 15.55
N GLU A 6 11.78 1.26 15.79
CA GLU A 6 12.52 2.11 14.87
C GLU A 6 13.93 1.59 14.53
N GLU A 7 14.55 0.87 15.48
CA GLU A 7 15.89 0.32 15.29
C GLU A 7 15.89 -0.83 14.29
N LEU A 8 14.73 -1.49 14.13
CA LEU A 8 14.61 -2.54 13.13
C LEU A 8 14.72 -2.02 11.69
N PHE A 9 14.60 -0.71 11.48
CA PHE A 9 14.57 -0.12 10.14
C PHE A 9 15.78 0.75 9.74
N THR A 10 16.86 0.67 10.49
CA THR A 10 18.05 1.51 10.23
C THR A 10 18.82 1.12 8.95
N GLY A 11 18.73 -0.15 8.55
CA GLY A 11 19.32 -0.62 7.28
C GLY A 11 18.30 -1.07 6.23
N VAL A 12 18.77 -1.74 5.19
CA VAL A 12 17.93 -2.29 4.16
C VAL A 12 17.23 -3.58 4.61
N VAL A 13 15.90 -3.61 4.53
CA VAL A 13 15.09 -4.71 5.01
C VAL A 13 14.41 -5.44 3.84
N PRO A 14 14.57 -6.76 3.74
CA PRO A 14 13.82 -7.49 2.71
C PRO A 14 12.34 -7.48 3.01
N ILE A 15 11.53 -7.47 1.94
CA ILE A 15 10.07 -7.44 2.02
C ILE A 15 9.45 -8.57 1.20
N LEU A 16 8.42 -9.18 1.78
CA LEU A 16 7.58 -10.18 1.10
CA LEU A 16 7.61 -10.20 1.12
C LEU A 16 6.13 -9.75 1.15
N VAL A 17 5.45 -9.83 0.01
CA VAL A 17 4.04 -9.49 -0.05
C VAL A 17 3.25 -10.67 -0.62
N GLU A 18 2.13 -11.01 -0.01
CA GLU A 18 1.27 -12.09 -0.50
C GLU A 18 -0.15 -11.59 -0.42
N LEU A 19 -0.86 -11.60 -1.55
CA LEU A 19 -2.23 -11.13 -1.61
C LEU A 19 -3.09 -12.22 -2.21
N ASP A 20 -4.22 -12.48 -1.55
CA ASP A 20 -5.30 -13.32 -2.11
C ASP A 20 -6.51 -12.42 -2.38
N GLY A 21 -7.00 -12.42 -3.62
CA GLY A 21 -8.03 -11.48 -4.05
C GLY A 21 -9.22 -12.14 -4.73
N ASP A 22 -10.36 -11.49 -4.63
CA ASP A 22 -11.58 -11.92 -5.33
C ASP A 22 -12.33 -10.65 -5.67
N VAL A 23 -12.50 -10.38 -6.96
CA VAL A 23 -13.22 -9.16 -7.43
C VAL A 23 -14.35 -9.59 -8.38
N ASN A 24 -15.58 -9.36 -7.94
CA ASN A 24 -16.79 -9.83 -8.64
C ASN A 24 -16.63 -11.32 -9.00
N GLY A 25 -16.14 -12.11 -8.05
CA GLY A 25 -15.94 -13.55 -8.25
C GLY A 25 -14.72 -13.99 -9.04
N HIS A 26 -13.95 -13.05 -9.63
CA HIS A 26 -12.70 -13.39 -10.27
C HIS A 26 -11.61 -13.50 -9.21
N LYS A 27 -11.11 -14.72 -8.99
CA LYS A 27 -10.14 -14.97 -7.94
C LYS A 27 -8.74 -14.86 -8.48
N PHE A 28 -7.82 -14.34 -7.68
CA PHE A 28 -6.43 -14.22 -8.09
C PHE A 28 -5.48 -14.09 -6.91
N SER A 29 -4.21 -14.33 -7.18
CA SER A 29 -3.18 -14.24 -6.18
C SER A 29 -2.01 -13.45 -6.74
N VAL A 30 -1.41 -12.63 -5.89
CA VAL A 30 -0.20 -11.89 -6.23
C VAL A 30 0.85 -12.13 -5.15
N SER A 31 2.09 -12.33 -5.61
CA SER A 31 3.23 -12.46 -4.73
CA SER A 31 3.23 -12.46 -4.73
CA SER A 31 3.24 -12.46 -4.74
C SER A 31 4.23 -11.36 -5.08
N GLY A 32 4.86 -10.79 -4.08
CA GLY A 32 5.85 -9.74 -4.31
C GLY A 32 7.07 -9.89 -3.43
N GLU A 33 8.20 -9.42 -3.93
CA GLU A 33 9.45 -9.40 -3.18
C GLU A 33 10.22 -8.14 -3.50
N GLY A 34 10.95 -7.66 -2.50
CA GLY A 34 11.90 -6.59 -2.75
C GLY A 34 12.54 -6.16 -1.46
N GLU A 35 12.81 -4.88 -1.34
CA GLU A 35 13.56 -4.32 -0.22
CA GLU A 35 13.47 -4.35 -0.16
C GLU A 35 13.09 -2.90 0.08
N GLY A 36 13.20 -2.51 1.33
CA GLY A 36 12.87 -1.17 1.77
C GLY A 36 14.00 -0.58 2.59
N ASP A 37 14.19 0.73 2.45
CA ASP A 37 15.24 1.50 3.17
C ASP A 37 14.62 2.73 3.75
N ALA A 38 14.15 2.60 4.98
CA ALA A 38 13.38 3.67 5.64
C ALA A 38 14.20 4.96 5.84
N THR A 39 15.51 4.85 5.89
CA THR A 39 16.36 6.04 5.97
C THR A 39 16.11 7.03 4.84
N TYR A 40 15.82 6.50 3.65
CA TYR A 40 15.52 7.29 2.46
C TYR A 40 14.05 7.25 2.04
N GLY A 41 13.23 6.51 2.77
CA GLY A 41 11.82 6.34 2.43
C GLY A 41 11.65 5.57 1.14
N LYS A 42 12.55 4.65 0.85
CA LYS A 42 12.64 4.05 -0.48
C LYS A 42 12.26 2.55 -0.49
N LEU A 43 11.38 2.18 -1.41
CA LEU A 43 10.92 0.80 -1.63
CA LEU A 43 10.95 0.79 -1.62
C LEU A 43 11.11 0.39 -3.08
N THR A 44 11.67 -0.79 -3.30
CA THR A 44 11.77 -1.38 -4.63
C THR A 44 11.19 -2.79 -4.56
N LEU A 45 10.17 -3.02 -5.39
CA LEU A 45 9.45 -4.28 -5.35
C LEU A 45 9.06 -4.78 -6.73
N LYS A 46 8.96 -6.10 -6.86
CA LYS A 46 8.44 -6.73 -8.06
C LYS A 46 7.33 -7.71 -7.68
N PHE A 47 6.19 -7.55 -8.31
CA PHE A 47 5.00 -8.34 -8.04
C PHE A 47 4.66 -9.19 -9.24
N ILE A 48 4.14 -10.39 -8.97
CA ILE A 48 3.76 -11.32 -10.01
CA ILE A 48 3.78 -11.38 -9.98
C ILE A 48 2.37 -11.87 -9.73
N CYS A 49 1.52 -11.94 -10.76
CA CYS A 49 0.23 -12.59 -10.60
C CYS A 49 0.48 -14.08 -10.75
N THR A 50 0.28 -14.84 -9.68
CA THR A 50 0.68 -16.25 -9.69
C THR A 50 -0.42 -17.15 -10.23
N THR A 51 -1.60 -16.62 -10.45
CA THR A 51 -2.72 -17.42 -10.93
C THR A 51 -2.97 -17.24 -12.43
N GLY A 52 -2.18 -16.39 -13.08
CA GLY A 52 -2.34 -16.11 -14.51
C GLY A 52 -2.48 -14.61 -14.81
N LYS A 53 -3.52 -14.25 -15.56
CA LYS A 53 -3.78 -12.85 -15.88
C LYS A 53 -4.52 -12.19 -14.73
N LEU A 54 -4.08 -11.01 -14.35
CA LEU A 54 -4.76 -10.26 -13.30
C LEU A 54 -6.09 -9.69 -13.88
N PRO A 55 -7.23 -9.87 -13.17
CA PRO A 55 -8.55 -9.43 -13.64
C PRO A 55 -8.90 -7.95 -13.41
N VAL A 56 -8.00 -7.23 -12.77
CA VAL A 56 -8.12 -5.79 -12.56
C VAL A 56 -6.80 -5.12 -12.97
N PRO A 57 -6.82 -3.79 -13.13
CA PRO A 57 -5.57 -3.12 -13.52
C PRO A 57 -4.56 -3.09 -12.36
N TRP A 58 -3.31 -3.37 -12.65
CA TRP A 58 -2.24 -3.28 -11.65
C TRP A 58 -2.27 -1.97 -10.82
N PRO A 59 -2.52 -0.80 -11.45
CA PRO A 59 -2.51 0.45 -10.68
C PRO A 59 -3.50 0.51 -9.53
N THR A 60 -4.59 -0.23 -9.66
CA THR A 60 -5.60 -0.27 -8.62
C THR A 60 -5.19 -1.09 -7.41
N LEU A 61 -4.12 -1.87 -7.52
CA LEU A 61 -3.64 -2.71 -6.42
C LEU A 61 -2.41 -2.10 -5.69
N VAL A 62 -1.83 -1.06 -6.26
CA VAL A 62 -0.61 -0.45 -5.70
C VAL A 62 -0.73 -0.09 -4.23
N THR A 63 -1.81 0.61 -3.87
CA THR A 63 -1.92 1.08 -2.50
C THR A 63 -2.11 -0.09 -1.53
N THR A 64 -2.74 -1.16 -2.01
CA THR A 64 -2.95 -2.32 -1.17
C THR A 64 -1.69 -3.14 -0.97
N LEU A 65 -0.94 -3.32 -2.05
CA LEU A 65 0.29 -4.08 -2.02
C LEU A 65 1.43 -3.38 -1.27
N1 CRF A 66 1.47 -2.04 -1.31
CA1 CRF A 66 2.45 -1.21 -0.63
CB1 CRF A 66 3.56 -0.76 -1.65
CB1 CRF A 66 3.65 -0.86 -1.56
CG1 CRF A 66 4.25 -1.98 -2.26
CG1 CRF A 66 3.26 -0.74 -3.04
OG1 CRF A 66 3.05 0.05 -2.73
OG1 CRF A 66 4.35 0.30 -1.11
C1 CRF A 66 1.69 -0.03 -0.09
N2 CRF A 66 1.58 1.16 -0.66
N3 CRF A 66 1.02 -0.12 1.09
C2 CRF A 66 0.43 1.05 1.33
O2 CRF A 66 -0.26 1.32 2.31
CA2 CRF A 66 0.79 1.92 0.20
CA3 CRF A 66 0.99 -1.32 1.90
C3 CRF A 66 1.85 -1.38 3.13
O3 CRF A 66 1.55 -2.24 3.98
CB2 CRF A 66 0.43 3.22 -0.04
CG2 CRF A 66 0.73 3.87 -1.34
CD1 CRF A 66 1.47 3.42 -2.38
CD2 CRF A 66 0.25 5.17 -1.72
CE2 CRF A 66 0.73 5.44 -3.01
NE1 CRF A 66 1.48 4.36 -3.39
CE3 CRF A 66 -0.56 6.12 -1.08
CZ2 CRF A 66 0.42 6.65 -3.64
CZ3 CRF A 66 -0.88 7.32 -1.69
CH2 CRF A 66 -0.39 7.58 -2.97
N VAL A 67 3.08 -0.86 2.99
CA VAL A 67 4.12 -1.10 4.01
C VAL A 67 4.63 0.28 4.41
N GLN A 68 3.73 1.03 5.04
CA GLN A 68 4.01 2.43 5.39
C GLN A 68 5.01 2.57 6.55
N CYS A 69 5.38 1.45 7.15
CA CYS A 69 6.50 1.41 8.11
C CYS A 69 7.82 1.82 7.46
N PHE A 70 7.89 1.86 6.12
CA PHE A 70 9.10 2.29 5.43
C PHE A 70 9.17 3.80 5.12
N ALA A 71 8.19 4.56 5.61
CA ALA A 71 8.15 6.00 5.43
C ALA A 71 9.37 6.61 6.11
N ARG A 72 9.98 7.60 5.47
CA ARG A 72 11.00 8.40 6.14
C ARG A 72 10.33 9.47 6.99
N TYR A 73 10.45 9.34 8.31
CA TYR A 73 9.97 10.38 9.21
C TYR A 73 11.16 11.29 9.53
N PRO A 74 11.06 12.59 9.20
CA PRO A 74 12.11 13.53 9.63
C PRO A 74 12.41 13.39 11.11
N ASP A 75 13.62 13.73 11.51
CA ASP A 75 14.01 13.59 12.90
C ASP A 75 13.06 14.33 13.85
N HIS A 76 12.59 15.51 13.46
CA HIS A 76 11.71 16.28 14.34
C HIS A 76 10.28 15.70 14.45
N MET A 77 9.95 14.67 13.65
CA MET A 77 8.61 14.05 13.68
C MET A 77 8.63 12.58 14.14
N LYS A 78 9.76 12.13 14.69
CA LYS A 78 9.94 10.71 15.03
C LYS A 78 9.00 10.16 16.10
N GLN A 79 8.47 11.04 16.95
CA GLN A 79 7.47 10.61 17.94
CA GLN A 79 7.46 10.66 17.94
C GLN A 79 6.08 10.43 17.31
N HIS A 80 5.96 10.67 16.01
CA HIS A 80 4.67 10.52 15.31
C HIS A 80 4.56 9.29 14.37
N ASP A 81 5.55 8.40 14.45
CA ASP A 81 5.64 7.22 13.56
C ASP A 81 5.00 6.00 14.24
N PHE A 82 3.70 5.88 14.05
CA PHE A 82 2.95 4.75 14.55
C PHE A 82 3.49 3.43 14.02
N PHE A 83 3.76 3.41 12.71
CA PHE A 83 3.97 2.18 12.00
C PHE A 83 5.16 1.42 12.51
N LYS A 84 6.29 2.10 12.71
CA LYS A 84 7.48 1.43 13.20
C LYS A 84 7.35 1.09 14.68
N SER A 85 6.60 1.89 15.43
CA SER A 85 6.42 1.64 16.88
C SER A 85 5.63 0.35 17.16
N ALA A 86 4.86 -0.12 16.17
CA ALA A 86 4.10 -1.35 16.32
C ALA A 86 4.94 -2.61 16.10
N MET A 87 6.15 -2.44 15.59
CA MET A 87 7.01 -3.55 15.21
C MET A 87 7.85 -4.01 16.42
N PRO A 88 8.24 -5.29 16.49
CA PRO A 88 8.11 -6.27 15.38
C PRO A 88 6.79 -7.04 15.31
N GLU A 89 5.97 -6.95 16.35
CA GLU A 89 4.71 -7.72 16.41
C GLU A 89 3.74 -7.34 15.28
N GLY A 90 3.74 -6.07 14.91
CA GLY A 90 3.08 -5.62 13.70
C GLY A 90 1.76 -4.93 13.89
N TYR A 91 1.07 -4.71 12.78
CA TYR A 91 -0.22 -4.06 12.79
C TYR A 91 -1.14 -4.66 11.73
N VAL A 92 -2.44 -4.47 11.95
CA VAL A 92 -3.47 -4.79 10.99
C VAL A 92 -3.85 -3.49 10.27
N GLN A 93 -3.86 -3.55 8.94
CA GLN A 93 -4.25 -2.43 8.11
C GLN A 93 -5.52 -2.85 7.38
N GLU A 94 -6.58 -2.09 7.55
CA GLU A 94 -7.82 -2.32 6.83
C GLU A 94 -8.16 -1.11 6.00
N ARG A 95 -8.71 -1.34 4.80
CA ARG A 95 -9.18 -0.27 3.97
C ARG A 95 -10.50 -0.59 3.32
N THR A 96 -11.23 0.47 3.01
CA THR A 96 -12.24 0.44 1.97
C THR A 96 -11.82 1.43 0.91
N ILE A 97 -11.86 0.97 -0.34
CA ILE A 97 -11.49 1.82 -1.45
C ILE A 97 -12.71 1.94 -2.34
N PHE A 98 -13.27 3.13 -2.43
CA PHE A 98 -14.46 3.37 -3.27
C PHE A 98 -14.07 3.93 -4.61
N PHE A 99 -14.31 3.16 -5.68
CA PHE A 99 -14.08 3.65 -7.03
C PHE A 99 -15.33 4.38 -7.51
N LYS A 100 -15.16 5.65 -7.85
CA LYS A 100 -16.27 6.52 -8.18
C LYS A 100 -17.03 5.96 -9.36
N ASP A 101 -18.35 5.85 -9.20
CA ASP A 101 -19.23 5.31 -10.23
C ASP A 101 -18.94 3.85 -10.57
N ASP A 102 -18.35 3.11 -9.62
CA ASP A 102 -18.02 1.71 -9.87
C ASP A 102 -18.00 1.01 -8.52
N GLY A 103 -17.30 -0.11 -8.40
CA GLY A 103 -17.34 -0.93 -7.21
C GLY A 103 -16.39 -0.48 -6.13
N ASN A 104 -16.20 -1.37 -5.15
CA ASN A 104 -15.32 -1.10 -4.04
C ASN A 104 -14.45 -2.31 -3.67
N TYR A 105 -13.23 -2.02 -3.20
CA TYR A 105 -12.38 -3.00 -2.56
C TYR A 105 -12.45 -2.85 -1.05
N LYS A 106 -12.46 -3.98 -0.37
CA LYS A 106 -12.25 -4.03 1.06
CA LYS A 106 -12.26 -4.05 1.07
C LYS A 106 -11.06 -4.95 1.30
N THR A 107 -10.10 -4.46 2.07
CA THR A 107 -8.88 -5.15 2.29
C THR A 107 -8.58 -5.28 3.76
N ARG A 108 -7.92 -6.38 4.10
CA ARG A 108 -7.41 -6.61 5.43
C ARG A 108 -6.03 -7.20 5.31
N ALA A 109 -5.05 -6.55 5.91
CA ALA A 109 -3.70 -7.00 5.87
C ALA A 109 -3.06 -7.08 7.25
N GLU A 110 -2.15 -8.01 7.43
CA GLU A 110 -1.27 -8.03 8.59
C GLU A 110 0.16 -7.82 8.15
N VAL A 111 0.80 -6.82 8.76
CA VAL A 111 2.15 -6.42 8.43
C VAL A 111 2.99 -6.66 9.69
N LYS A 112 3.97 -7.53 9.58
CA LYS A 112 4.80 -7.91 10.73
CA LYS A 112 4.83 -7.84 10.73
C LYS A 112 6.11 -8.46 10.26
N PHE A 113 7.07 -8.59 11.17
CA PHE A 113 8.33 -9.23 10.84
C PHE A 113 8.23 -10.74 10.96
N GLU A 114 8.79 -11.46 10.00
CA GLU A 114 9.07 -12.91 10.14
C GLU A 114 10.57 -13.06 10.06
N GLY A 115 11.22 -13.16 11.21
CA GLY A 115 12.68 -13.08 11.26
C GLY A 115 13.11 -11.69 10.84
N ASP A 116 13.99 -11.63 9.84
CA ASP A 116 14.54 -10.37 9.35
C ASP A 116 13.69 -9.76 8.22
N THR A 117 12.65 -10.47 7.81
CA THR A 117 11.85 -10.08 6.68
C THR A 117 10.56 -9.43 7.10
N LEU A 118 10.24 -8.30 6.47
CA LEU A 118 8.99 -7.60 6.71
C LEU A 118 7.95 -8.20 5.76
N VAL A 119 6.88 -8.74 6.33
CA VAL A 119 5.89 -9.47 5.55
C VAL A 119 4.54 -8.76 5.52
N ASN A 120 3.94 -8.62 4.33
CA ASN A 120 2.61 -8.01 4.19
C ASN A 120 1.68 -9.08 3.63
N ARG A 121 0.80 -9.63 4.47
CA ARG A 121 -0.17 -10.64 4.05
C ARG A 121 -1.55 -10.02 3.96
N ILE A 122 -2.16 -10.12 2.78
CA ILE A 122 -3.36 -9.35 2.43
C ILE A 122 -4.48 -10.25 1.88
N GLU A 123 -5.71 -9.94 2.30
CA GLU A 123 -6.92 -10.46 1.65
C GLU A 123 -7.70 -9.30 1.07
N LEU A 124 -8.10 -9.41 -0.18
CA LEU A 124 -8.84 -8.34 -0.84
C LEU A 124 -10.17 -8.90 -1.35
N LYS A 125 -11.23 -8.16 -1.15
CA LYS A 125 -12.56 -8.51 -1.65
C LYS A 125 -13.13 -7.33 -2.38
N GLY A 126 -13.50 -7.51 -3.65
CA GLY A 126 -14.08 -6.44 -4.46
C GLY A 126 -15.47 -6.84 -4.90
N ILE A 127 -16.43 -5.92 -4.78
CA ILE A 127 -17.79 -6.15 -5.21
C ILE A 127 -18.39 -4.94 -5.92
N ASP A 128 -19.49 -5.18 -6.62
CA ASP A 128 -20.30 -4.17 -7.30
C ASP A 128 -19.58 -3.44 -8.43
N PHE A 129 -18.62 -4.10 -9.06
CA PHE A 129 -17.99 -3.53 -10.23
C PHE A 129 -18.82 -3.78 -11.48
N LYS A 130 -18.69 -2.88 -12.44
CA LYS A 130 -19.37 -3.01 -13.74
C LYS A 130 -18.50 -3.78 -14.71
N GLU A 131 -19.10 -4.73 -15.44
CA GLU A 131 -18.37 -5.60 -16.39
C GLU A 131 -17.58 -4.80 -17.45
N ASP A 132 -18.14 -3.66 -17.83
CA ASP A 132 -17.59 -2.80 -18.88
C ASP A 132 -17.01 -1.50 -18.29
N GLY A 133 -16.85 -1.44 -16.96
CA GLY A 133 -16.30 -0.26 -16.32
C GLY A 133 -14.81 -0.11 -16.56
N ASN A 134 -14.22 0.93 -15.96
CA ASN A 134 -12.81 1.18 -16.09
C ASN A 134 -11.94 0.12 -15.44
N ILE A 135 -12.45 -0.57 -14.41
CA ILE A 135 -11.65 -1.54 -13.69
CA ILE A 135 -11.66 -1.55 -13.67
C ILE A 135 -11.70 -2.91 -14.37
N LEU A 136 -12.89 -3.54 -14.41
CA LEU A 136 -13.00 -4.86 -15.05
C LEU A 136 -12.75 -4.78 -16.56
N GLY A 137 -12.95 -3.60 -17.14
CA GLY A 137 -12.69 -3.35 -18.56
C GLY A 137 -11.27 -2.98 -18.90
N HIS A 138 -10.39 -2.86 -17.91
CA HIS A 138 -8.97 -2.57 -18.13
C HIS A 138 -8.78 -1.30 -18.96
N LYS A 139 -9.36 -0.20 -18.50
CA LYS A 139 -9.25 1.07 -19.21
C LYS A 139 -8.32 2.08 -18.52
N LEU A 140 -7.56 1.66 -17.52
CA LEU A 140 -6.71 2.58 -16.80
C LEU A 140 -5.30 2.55 -17.39
N GLU A 141 -4.66 3.70 -17.46
CA GLU A 141 -3.29 3.78 -17.93
C GLU A 141 -2.36 3.19 -16.86
N TYR A 142 -1.26 2.63 -17.34
N TYR A 142 -1.14 2.84 -17.28
CA TYR A 142 -0.24 2.01 -16.48
CA TYR A 142 -0.13 2.28 -16.40
C TYR A 142 0.65 3.16 -16.10
C TYR A 142 0.96 3.31 -16.20
N ASN A 143 0.17 3.94 -15.14
N ASN A 143 0.82 4.15 -15.18
CA ASN A 143 0.78 5.21 -14.80
CA ASN A 143 1.70 5.29 -15.00
C ASN A 143 1.12 5.27 -13.32
C ASN A 143 1.97 5.61 -13.52
N ALA A 144 2.17 6.02 -13.02
N ALA A 144 2.61 6.75 -13.28
CA ALA A 144 2.53 6.35 -11.66
CA ALA A 144 3.06 7.13 -11.96
C ALA A 144 1.30 6.84 -10.93
C ALA A 144 1.89 7.55 -11.09
N ILE A 145 1.34 6.73 -9.60
N ILE A 145 1.94 7.18 -9.82
CA ILE A 145 0.39 7.42 -8.75
CA ILE A 145 0.90 7.51 -8.86
C ILE A 145 1.13 8.15 -7.64
C ILE A 145 1.53 8.33 -7.76
N SER A 146 0.68 9.36 -7.32
N SER A 146 0.80 9.29 -7.24
CA SER A 146 1.30 10.17 -6.29
CA SER A 146 1.36 10.19 -6.24
C SER A 146 0.20 10.93 -5.54
C SER A 146 0.30 11.01 -5.54
N ASP A 147 0.28 10.94 -4.21
CA ASP A 147 -0.66 11.72 -3.43
C ASP A 147 -0.23 11.82 -1.98
N ASN A 148 -1.06 12.47 -1.18
CA ASN A 148 -0.80 12.61 0.23
C ASN A 148 -1.75 11.76 1.04
N VAL A 149 -1.21 10.95 1.94
CA VAL A 149 -2.00 10.16 2.85
C VAL A 149 -2.17 10.96 4.15
N TYR A 150 -3.40 11.34 4.49
CA TYR A 150 -3.66 12.14 5.70
C TYR A 150 -3.97 11.26 6.89
N ILE A 151 -3.08 11.32 7.89
CA ILE A 151 -3.11 10.47 9.06
C ILE A 151 -3.60 11.23 10.30
N THR A 152 -4.43 10.56 11.10
CA THR A 152 -4.87 11.10 12.37
CA THR A 152 -4.95 11.09 12.36
C THR A 152 -4.96 9.97 13.39
N ALA A 153 -4.87 10.32 14.68
CA ALA A 153 -4.93 9.33 15.74
C ALA A 153 -6.34 8.76 15.91
N ASP A 154 -6.41 7.50 16.32
CA ASP A 154 -7.67 6.82 16.68
C ASP A 154 -7.51 6.22 18.08
N LYS A 155 -7.69 7.05 19.11
CA LYS A 155 -7.47 6.66 20.51
C LYS A 155 -8.28 5.44 20.96
N GLN A 156 -9.50 5.31 20.46
CA GLN A 156 -10.41 4.25 20.89
C GLN A 156 -9.94 2.84 20.55
N LYS A 157 -9.18 2.70 19.46
CA LYS A 157 -8.61 1.38 19.09
C LYS A 157 -7.08 1.34 19.20
N ASN A 158 -6.50 2.37 19.81
CA ASN A 158 -5.07 2.44 20.04
C ASN A 158 -4.29 2.42 18.71
N GLY A 159 -4.83 3.12 17.72
CA GLY A 159 -4.24 3.12 16.40
C GLY A 159 -4.42 4.41 15.65
N ILE A 160 -4.48 4.32 14.32
CA ILE A 160 -4.64 5.48 13.48
C ILE A 160 -5.68 5.23 12.40
N LYS A 161 -6.13 6.32 11.78
CA LYS A 161 -6.97 6.31 10.60
C LYS A 161 -6.28 7.18 9.57
N ALA A 162 -6.58 6.92 8.31
CA ALA A 162 -6.09 7.74 7.22
C ALA A 162 -7.15 7.82 6.13
N ASN A 163 -7.06 8.88 5.35
CA ASN A 163 -7.89 9.06 4.19
C ASN A 163 -7.06 9.76 3.11
N PHE A 164 -7.35 9.39 1.88
CA PHE A 164 -6.71 9.98 0.72
C PHE A 164 -7.45 9.57 -0.55
N LYS A 165 -7.15 10.28 -1.63
CA LYS A 165 -7.77 10.05 -2.93
C LYS A 165 -6.67 9.77 -3.90
N ILE A 166 -6.89 8.80 -4.77
CA ILE A 166 -5.99 8.57 -5.88
C ILE A 166 -6.80 8.86 -7.12
N ARG A 167 -6.24 9.62 -8.05
CA ARG A 167 -6.88 9.86 -9.34
C ARG A 167 -6.16 9.07 -10.44
N HIS A 168 -6.74 7.94 -10.83
CA HIS A 168 -6.13 7.11 -11.87
C HIS A 168 -6.49 7.66 -13.24
N ASN A 169 -5.49 7.87 -14.08
CA ASN A 169 -5.72 8.27 -15.47
C ASN A 169 -6.39 7.16 -16.29
N ILE A 170 -7.43 7.55 -17.03
CA ILE A 170 -8.15 6.63 -17.91
C ILE A 170 -7.57 6.83 -19.32
N GLU A 171 -7.64 5.77 -20.13
CA GLU A 171 -7.08 5.79 -21.50
C GLU A 171 -7.64 6.91 -22.41
N ASP A 172 -8.90 7.31 -22.22
CA ASP A 172 -9.46 8.48 -22.96
C ASP A 172 -9.07 9.88 -22.43
N GLY A 173 -8.21 9.97 -21.42
CA GLY A 173 -7.75 11.29 -20.94
C GLY A 173 -8.47 11.75 -19.69
N SER A 174 -9.54 11.03 -19.31
CA SER A 174 -10.29 11.34 -18.10
C SER A 174 -9.65 10.71 -16.86
N VAL A 175 -10.36 10.72 -15.73
CA VAL A 175 -9.81 10.22 -14.47
CA VAL A 175 -9.80 10.16 -14.51
C VAL A 175 -10.81 9.31 -13.77
N GLN A 176 -10.30 8.23 -13.18
CA GLN A 176 -11.04 7.35 -12.28
C GLN A 176 -10.60 7.63 -10.86
N LEU A 177 -11.49 8.22 -10.07
CA LEU A 177 -11.22 8.48 -8.67
C LEU A 177 -11.39 7.22 -7.81
N ALA A 178 -10.42 7.02 -6.91
CA ALA A 178 -10.49 5.98 -5.88
C ALA A 178 -10.30 6.63 -4.51
N ASP A 179 -11.38 6.72 -3.75
CA ASP A 179 -11.38 7.24 -2.37
C ASP A 179 -11.03 6.17 -1.36
N HIS A 180 -9.95 6.40 -0.61
CA HIS A 180 -9.40 5.46 0.35
C HIS A 180 -9.68 5.86 1.78
N TYR A 181 -10.15 4.90 2.55
CA TYR A 181 -10.38 5.06 3.98
C TYR A 181 -9.67 3.94 4.68
N GLN A 182 -8.82 4.29 5.63
CA GLN A 182 -7.87 3.36 6.21
C GLN A 182 -7.92 3.39 7.74
N GLN A 183 -7.69 2.21 8.33
CA GLN A 183 -7.53 2.09 9.77
CA GLN A 183 -7.56 2.07 9.77
C GLN A 183 -6.42 1.09 10.09
N ASN A 184 -5.53 1.46 11.00
CA ASN A 184 -4.46 0.57 11.43
C ASN A 184 -4.52 0.40 12.95
N THR A 185 -4.33 -0.83 13.40
CA THR A 185 -4.35 -1.18 14.81
CA THR A 185 -4.31 -1.12 14.82
C THR A 185 -3.22 -2.14 15.12
N PRO A 186 -2.57 -2.00 16.30
CA PRO A 186 -1.45 -2.88 16.61
C PRO A 186 -1.89 -4.31 16.87
N ILE A 187 -1.01 -5.25 16.56
CA ILE A 187 -1.24 -6.66 16.84
C ILE A 187 -0.82 -6.97 18.28
N GLY A 188 0.31 -6.40 18.71
CA GLY A 188 0.83 -6.61 20.05
C GLY A 188 0.15 -5.70 21.07
N ASP A 189 0.48 -5.87 22.35
CA ASP A 189 -0.18 -5.09 23.41
C ASP A 189 0.77 -4.03 23.98
N GLY A 190 1.97 -3.91 23.42
CA GLY A 190 2.94 -2.94 23.91
C GLY A 190 2.56 -1.51 23.54
N PRO A 191 3.28 -0.51 24.08
CA PRO A 191 2.98 0.88 23.74
C PRO A 191 3.27 1.17 22.28
N VAL A 192 2.46 2.03 21.69
CA VAL A 192 2.69 2.52 20.33
C VAL A 192 2.56 4.03 20.35
N LEU A 193 3.15 4.67 19.35
CA LEU A 193 3.09 6.13 19.22
C LEU A 193 1.81 6.53 18.51
N LEU A 194 0.98 7.34 19.19
CA LEU A 194 -0.22 7.88 18.56
C LEU A 194 0.09 9.28 18.09
N PRO A 195 -0.03 9.52 16.78
CA PRO A 195 0.48 10.76 16.24
C PRO A 195 -0.49 11.94 16.28
N ASP A 196 0.05 13.16 16.25
CA ASP A 196 -0.69 14.32 15.79
C ASP A 196 -0.93 14.20 14.30
N ASN A 197 -1.88 14.98 13.81
CA ASN A 197 -2.21 15.00 12.39
C ASN A 197 -1.00 15.31 11.54
N HIS A 198 -0.78 14.51 10.50
CA HIS A 198 0.28 14.78 9.55
C HIS A 198 -0.04 14.02 8.27
N TYR A 199 0.84 14.04 7.28
CA TYR A 199 0.61 13.24 6.08
C TYR A 199 1.88 12.57 5.58
N LEU A 200 1.67 11.52 4.79
CA LEU A 200 2.77 10.89 4.07
C LEU A 200 2.67 11.29 2.61
N SER A 201 3.72 11.91 2.12
CA SER A 201 3.85 12.25 0.72
C SER A 201 4.45 11.05 -0.02
N THR A 202 3.66 10.44 -0.89
CA THR A 202 4.01 9.16 -1.51
C THR A 202 4.00 9.27 -3.03
N GLN A 203 5.07 8.78 -3.65
CA GLN A 203 5.14 8.67 -5.10
CA GLN A 203 5.20 8.70 -5.10
C GLN A 203 5.55 7.26 -5.51
N SER A 204 4.76 6.65 -6.40
CA SER A 204 5.03 5.31 -6.91
C SER A 204 5.20 5.37 -8.43
N ALA A 205 6.31 4.85 -8.93
CA ALA A 205 6.57 4.70 -10.36
C ALA A 205 6.45 3.24 -10.75
N LEU A 206 5.68 3.00 -11.80
CA LEU A 206 5.34 1.65 -12.26
C LEU A 206 6.09 1.34 -13.55
N SER A 207 6.68 0.14 -13.66
CA SER A 207 7.41 -0.24 -14.86
C SER A 207 7.25 -1.74 -15.13
N LYS A 208 7.84 -2.21 -16.23
CA LYS A 208 7.86 -3.65 -16.54
C LYS A 208 9.30 -4.16 -16.66
N ASP A 209 9.47 -5.45 -16.42
CA ASP A 209 10.74 -6.18 -16.59
C ASP A 209 10.66 -6.77 -17.99
N PRO A 210 11.55 -6.31 -18.89
CA PRO A 210 11.47 -6.73 -20.30
C PRO A 210 11.59 -8.25 -20.53
N ASN A 211 12.28 -8.94 -19.63
CA ASN A 211 12.47 -10.40 -19.72
C ASN A 211 11.40 -11.22 -18.99
N GLU A 212 10.43 -10.55 -18.37
CA GLU A 212 9.42 -11.27 -17.59
C GLU A 212 8.17 -11.52 -18.43
N LYS A 213 7.81 -12.79 -18.62
CA LYS A 213 6.63 -13.15 -19.39
C LYS A 213 5.36 -13.32 -18.56
N ARG A 214 5.49 -13.50 -17.25
CA ARG A 214 4.30 -13.55 -16.39
C ARG A 214 3.69 -12.12 -16.24
N ASP A 215 2.40 -12.06 -15.91
CA ASP A 215 1.74 -10.78 -15.63
C ASP A 215 2.37 -10.23 -14.34
N HIS A 216 2.88 -9.00 -14.39
CA HIS A 216 3.73 -8.48 -13.31
C HIS A 216 3.75 -6.96 -13.28
N MET A 217 4.31 -6.42 -12.19
CA MET A 217 4.50 -5.01 -12.00
C MET A 217 5.80 -4.80 -11.21
N VAL A 218 6.63 -3.90 -11.70
CA VAL A 218 7.80 -3.41 -10.95
C VAL A 218 7.47 -2.03 -10.41
N LEU A 219 7.85 -1.81 -9.16
CA LEU A 219 7.52 -0.59 -8.43
CA LEU A 219 7.52 -0.58 -8.46
C LEU A 219 8.76 0.01 -7.79
N LEU A 220 8.89 1.32 -7.90
CA LEU A 220 9.86 2.11 -7.18
C LEU A 220 9.04 3.18 -6.46
N GLU A 221 9.10 3.21 -5.13
CA GLU A 221 8.26 4.08 -4.32
CA GLU A 221 8.26 4.11 -4.33
C GLU A 221 9.11 4.94 -3.39
N PHE A 222 8.74 6.21 -3.21
CA PHE A 222 9.31 7.07 -2.17
C PHE A 222 8.19 7.61 -1.31
N VAL A 223 8.39 7.51 0.01
CA VAL A 223 7.39 7.89 0.99
CA VAL A 223 7.38 7.93 0.96
C VAL A 223 8.07 8.74 2.07
N THR A 224 7.53 9.93 2.31
CA THR A 224 8.10 10.87 3.29
C THR A 224 7.00 11.49 4.16
N ALA A 225 7.20 11.49 5.48
CA ALA A 225 6.26 12.13 6.39
C ALA A 225 6.46 13.65 6.34
N ALA A 226 5.37 14.39 6.49
CA ALA A 226 5.41 15.86 6.44
C ALA A 226 4.21 16.45 7.14
N GLY A 227 4.20 17.77 7.20
CA GLY A 227 3.05 18.54 7.64
C GLY A 227 3.09 18.95 9.09
N ILE A 228 4.26 18.78 9.72
CA ILE A 228 4.54 19.33 11.05
C ILE A 228 5.79 20.22 10.98
N THR A 229 6.94 19.60 10.74
C CO2 B . 3.98 2.48 1.07
O1 CO2 B . 3.77 3.44 0.48
O2 CO2 B . 4.01 1.44 1.55
#